data_3B0P
#
_entry.id   3B0P
#
_cell.length_a   42.010
_cell.length_b   60.190
_cell.length_c   67.000
_cell.angle_alpha   76.22
_cell.angle_beta   88.67
_cell.angle_gamma   70.67
#
_symmetry.space_group_name_H-M   'P 1'
#
loop_
_entity.id
_entity.type
_entity.pdbx_description
1 polymer 'tRNA-dihydrouridine synthase'
2 non-polymer 'FLAVIN MONONUCLEOTIDE'
3 water water
#
_entity_poly.entity_id   1
_entity_poly.type   'polypeptide(L)'
_entity_poly.pdbx_seq_one_letter_code
;MLDPRLSVAPMVDRTDRHFRFLVRQVSLGVRLYTEMTVDQAVLRGNRERLLAFRPEEHPIALQLAGSDPKSLAEAARIGE
AFGYDEINLNLGCPSEKAQEGGYGACLLLDLARVREILKAMGEAVRVPVTVKMRLGLEGKETYRGLAQSVEAMAEAGVKV
FVVHARSALLALSTKANREIPPLRHDWVHRLKGDFPQLTFVTNGGIRSLEEALFHLKRVDGVMLGRAVYEDPFVLEEADR
RVFGLPRRPSRLEVARRMRAYLEEEVLKGTPPWAVLRHMLNLFRGRPKGRLWRRLLSEGRSLQALDRALRLMEEEVGEEG
EKEKPGPRGQREAAPGPAREGVLEHHHHHH
;
_entity_poly.pdbx_strand_id   A,B
#
# COMPACT_ATOMS: atom_id res chain seq x y z
N LEU A 2 -21.34 -19.51 -0.83
CA LEU A 2 -20.44 -18.46 -1.29
C LEU A 2 -19.03 -18.67 -0.73
N ASP A 3 -18.08 -18.92 -1.62
CA ASP A 3 -16.67 -19.05 -1.25
C ASP A 3 -16.03 -17.67 -1.36
N PRO A 4 -15.70 -17.05 -0.21
CA PRO A 4 -15.31 -15.64 -0.21
C PRO A 4 -13.81 -15.44 -0.38
N ARG A 5 -13.06 -16.53 -0.52
CA ARG A 5 -11.62 -16.47 -0.38
C ARG A 5 -10.89 -15.54 -1.35
N LEU A 6 -11.32 -15.51 -2.63
CA LEU A 6 -10.63 -14.66 -3.62
C LEU A 6 -11.56 -14.08 -4.66
N SER A 7 -11.43 -12.78 -4.88
CA SER A 7 -12.25 -12.12 -5.89
C SER A 7 -11.46 -11.07 -6.67
N VAL A 8 -11.98 -10.72 -7.84
CA VAL A 8 -11.47 -9.60 -8.61
C VAL A 8 -12.41 -8.42 -8.40
N ALA A 9 -11.84 -7.28 -8.05
CA ALA A 9 -12.60 -6.09 -7.70
C ALA A 9 -13.46 -5.60 -8.87
N PRO A 10 -14.64 -5.02 -8.55
CA PRO A 10 -15.42 -4.30 -9.57
C PRO A 10 -14.66 -3.05 -10.01
N MET A 11 -14.48 -2.89 -11.31
CA MET A 11 -13.79 -1.71 -11.86
C MET A 11 -14.48 -1.18 -13.11
N VAL A 12 -15.11 -0.01 -12.97
CA VAL A 12 -15.78 0.64 -14.09
C VAL A 12 -14.78 0.83 -15.24
N ASP A 13 -15.24 0.48 -16.45
CA ASP A 13 -14.45 0.50 -17.69
C ASP A 13 -13.39 -0.60 -17.76
N ARG A 14 -13.40 -1.50 -16.80
CA ARG A 14 -12.43 -2.58 -16.83
C ARG A 14 -13.11 -3.94 -16.77
N THR A 15 -13.92 -4.15 -15.74
CA THR A 15 -14.50 -5.46 -15.49
C THR A 15 -15.83 -5.70 -16.19
N ASP A 16 -15.84 -5.41 -17.48
CA ASP A 16 -16.94 -5.81 -18.35
C ASP A 16 -16.86 -7.30 -18.70
N ARG A 17 -17.84 -7.83 -19.41
CA ARG A 17 -17.89 -9.28 -19.58
C ARG A 17 -16.69 -9.81 -20.35
N HIS A 18 -16.06 -8.95 -21.13
CA HIS A 18 -14.91 -9.41 -21.92
C HIS A 18 -13.66 -9.65 -21.06
N PHE A 19 -13.36 -8.70 -20.19
CA PHE A 19 -12.24 -8.87 -19.25
C PHE A 19 -12.56 -9.97 -18.25
N ARG A 20 -13.82 -10.05 -17.80
CA ARG A 20 -14.15 -11.09 -16.85
C ARG A 20 -13.94 -12.47 -17.49
N PHE A 21 -14.35 -12.61 -18.76
CA PHE A 21 -14.15 -13.87 -19.46
C PHE A 21 -12.67 -14.24 -19.48
N LEU A 22 -11.82 -13.25 -19.77
CA LEU A 22 -10.37 -13.50 -19.80
C LEU A 22 -9.86 -13.98 -18.45
N VAL A 23 -10.29 -13.32 -17.38
CA VAL A 23 -9.79 -13.67 -16.07
C VAL A 23 -10.23 -15.09 -15.73
N ARG A 24 -11.48 -15.42 -16.09
CA ARG A 24 -12.00 -16.77 -15.84
C ARG A 24 -11.10 -17.85 -16.46
N GLN A 25 -10.42 -17.52 -17.56
CA GLN A 25 -9.53 -18.49 -18.20
C GLN A 25 -8.27 -18.72 -17.36
N VAL A 26 -7.92 -17.73 -16.56
CA VAL A 26 -6.76 -17.82 -15.68
C VAL A 26 -7.12 -18.59 -14.42
N SER A 27 -8.28 -18.27 -13.85
CA SER A 27 -8.68 -18.90 -12.61
C SER A 27 -10.14 -19.27 -12.64
N LEU A 28 -10.41 -20.56 -12.43
CA LEU A 28 -11.77 -21.05 -12.47
C LEU A 28 -12.46 -20.67 -11.18
N GLY A 29 -11.68 -20.56 -10.12
CA GLY A 29 -12.23 -20.41 -8.79
C GLY A 29 -12.59 -18.99 -8.39
N VAL A 30 -11.87 -18.02 -8.95
CA VAL A 30 -11.96 -16.64 -8.45
C VAL A 30 -13.32 -16.01 -8.70
N ARG A 31 -13.82 -15.25 -7.73
CA ARG A 31 -15.15 -14.67 -7.87
C ARG A 31 -15.04 -13.38 -8.67
N LEU A 32 -15.91 -13.20 -9.66
CA LEU A 32 -15.84 -12.02 -10.49
C LEU A 32 -16.94 -11.05 -10.10
N TYR A 33 -16.70 -9.77 -10.33
CA TYR A 33 -17.63 -8.68 -10.02
C TYR A 33 -17.82 -7.83 -11.25
N THR A 34 -19.06 -7.44 -11.50
CA THR A 34 -19.32 -6.50 -12.57
C THR A 34 -18.79 -5.12 -12.21
N GLU A 35 -18.68 -4.26 -13.20
CA GLU A 35 -18.50 -2.83 -12.96
C GLU A 35 -19.68 -2.35 -12.14
N MET A 36 -19.47 -1.30 -11.31
CA MET A 36 -20.60 -0.63 -10.64
C MET A 36 -21.70 -0.33 -11.66
N THR A 37 -22.92 -0.72 -11.35
CA THR A 37 -24.02 -0.55 -12.29
C THR A 37 -25.13 0.19 -11.53
N VAL A 38 -25.46 1.39 -11.99
CA VAL A 38 -26.41 2.24 -11.27
C VAL A 38 -27.83 1.67 -11.42
N ASP A 39 -28.61 1.67 -10.33
CA ASP A 39 -29.94 1.06 -10.38
C ASP A 39 -30.78 1.67 -11.47
N GLN A 40 -30.70 2.98 -11.66
CA GLN A 40 -31.50 3.65 -12.69
C GLN A 40 -31.19 3.12 -14.11
N ALA A 41 -29.91 2.83 -14.38
CA ALA A 41 -29.54 2.26 -15.67
C ALA A 41 -30.14 0.85 -15.87
N VAL A 42 -30.18 0.06 -14.80
CA VAL A 42 -30.80 -1.26 -14.87
C VAL A 42 -32.29 -1.14 -15.17
N LEU A 43 -32.95 -0.25 -14.45
CA LEU A 43 -34.39 -0.03 -14.62
C LEU A 43 -34.77 0.53 -15.99
N ARG A 44 -34.01 1.53 -16.48
CA ARG A 44 -34.41 2.25 -17.68
C ARG A 44 -33.60 1.94 -18.94
N GLY A 45 -32.47 1.26 -18.79
CA GLY A 45 -31.59 1.02 -19.93
C GLY A 45 -31.89 -0.27 -20.70
N ASN A 46 -30.97 -0.63 -21.60
CA ASN A 46 -31.06 -1.87 -22.34
C ASN A 46 -30.53 -2.99 -21.44
N ARG A 47 -31.43 -3.69 -20.75
CA ARG A 47 -30.98 -4.62 -19.73
C ARG A 47 -30.10 -5.76 -20.24
N GLU A 48 -30.43 -6.30 -21.41
CA GLU A 48 -29.64 -7.38 -21.96
C GLU A 48 -28.23 -6.88 -22.25
N ARG A 49 -28.14 -5.72 -22.88
CA ARG A 49 -26.83 -5.15 -23.18
C ARG A 49 -26.01 -4.87 -21.92
N LEU A 50 -26.67 -4.35 -20.88
CA LEU A 50 -25.99 -3.99 -19.64
C LEU A 50 -25.61 -5.20 -18.78
N LEU A 51 -26.42 -6.25 -18.81
CA LEU A 51 -26.32 -7.29 -17.78
C LEU A 51 -25.99 -8.70 -18.26
N ALA A 52 -26.24 -8.98 -19.54
CA ALA A 52 -26.10 -10.35 -20.00
C ALA A 52 -24.64 -10.75 -19.87
N PHE A 53 -24.39 -12.00 -19.49
CA PHE A 53 -23.03 -12.49 -19.33
C PHE A 53 -22.98 -13.97 -19.72
N ARG A 54 -21.78 -14.51 -19.90
CA ARG A 54 -21.67 -15.90 -20.32
C ARG A 54 -21.61 -16.83 -19.14
N PRO A 55 -22.19 -18.02 -19.27
CA PRO A 55 -22.28 -18.94 -18.13
C PRO A 55 -20.89 -19.28 -17.54
N GLU A 56 -19.83 -19.26 -18.35
CA GLU A 56 -18.50 -19.51 -17.84
C GLU A 56 -18.09 -18.53 -16.74
N GLU A 57 -18.68 -17.34 -16.73
CA GLU A 57 -18.28 -16.30 -15.77
C GLU A 57 -18.70 -16.60 -14.33
N HIS A 58 -19.60 -17.56 -14.11
CA HIS A 58 -19.96 -17.96 -12.75
C HIS A 58 -18.71 -18.52 -12.07
N PRO A 59 -18.52 -18.22 -10.78
CA PRO A 59 -19.34 -17.38 -9.90
C PRO A 59 -19.13 -15.89 -10.14
N ILE A 60 -20.22 -15.16 -10.21
CA ILE A 60 -20.20 -13.73 -10.52
C ILE A 60 -21.23 -12.94 -9.74
N ALA A 61 -20.82 -11.77 -9.26
CA ALA A 61 -21.67 -10.87 -8.50
C ALA A 61 -21.95 -9.64 -9.31
N LEU A 62 -23.21 -9.18 -9.27
CA LEU A 62 -23.59 -7.89 -9.85
C LEU A 62 -23.51 -6.83 -8.78
N GLN A 63 -22.73 -5.77 -9.03
CA GLN A 63 -22.66 -4.65 -8.10
C GLN A 63 -23.60 -3.55 -8.56
N LEU A 64 -24.51 -3.19 -7.65
CA LEU A 64 -25.47 -2.10 -7.86
C LEU A 64 -25.10 -0.89 -7.04
N ALA A 65 -25.49 0.28 -7.51
CA ALA A 65 -25.40 1.51 -6.72
C ALA A 65 -26.75 2.20 -6.78
N GLY A 66 -27.16 2.83 -5.67
CA GLY A 66 -28.41 3.53 -5.61
C GLY A 66 -28.68 4.00 -4.19
N SER A 67 -29.86 4.58 -3.93
CA SER A 67 -30.14 5.11 -2.61
C SER A 67 -31.55 4.82 -2.11
N ASP A 68 -32.38 4.20 -2.95
CA ASP A 68 -33.79 4.02 -2.60
C ASP A 68 -34.10 2.53 -2.47
N PRO A 69 -34.69 2.13 -1.34
CA PRO A 69 -34.92 0.70 -1.10
C PRO A 69 -35.66 0.00 -2.24
N LYS A 70 -36.83 0.50 -2.62
CA LYS A 70 -37.60 -0.19 -3.66
C LYS A 70 -36.92 -0.23 -5.01
N SER A 71 -36.21 0.83 -5.38
CA SER A 71 -35.46 0.86 -6.64
C SER A 71 -34.34 -0.15 -6.64
N LEU A 72 -33.57 -0.21 -5.55
CA LEU A 72 -32.49 -1.18 -5.48
C LEU A 72 -33.02 -2.60 -5.38
N ALA A 73 -34.14 -2.78 -4.71
CA ALA A 73 -34.71 -4.12 -4.64
C ALA A 73 -35.14 -4.60 -6.02
N GLU A 74 -35.80 -3.72 -6.78
CA GLU A 74 -36.23 -4.10 -8.14
C GLU A 74 -35.01 -4.35 -9.04
N ALA A 75 -33.97 -3.53 -8.91
CA ALA A 75 -32.77 -3.77 -9.71
C ALA A 75 -32.12 -5.10 -9.31
N ALA A 76 -32.18 -5.43 -8.02
CA ALA A 76 -31.66 -6.72 -7.56
C ALA A 76 -32.46 -7.89 -8.16
N ARG A 77 -33.77 -7.76 -8.20
CA ARG A 77 -34.60 -8.80 -8.82
C ARG A 77 -34.20 -9.00 -10.28
N ILE A 78 -33.96 -7.90 -10.97
CA ILE A 78 -33.56 -7.94 -12.37
C ILE A 78 -32.22 -8.68 -12.51
N GLY A 79 -31.26 -8.32 -11.66
CA GLY A 79 -29.96 -8.97 -11.67
C GLY A 79 -30.07 -10.45 -11.39
N GLU A 80 -30.90 -10.80 -10.41
CA GLU A 80 -31.13 -12.21 -10.14
C GLU A 80 -31.71 -12.95 -11.37
N ALA A 81 -32.60 -12.30 -12.11
CA ALA A 81 -33.19 -12.92 -13.29
C ALA A 81 -32.14 -13.21 -14.36
N PHE A 82 -31.07 -12.42 -14.40
CA PHE A 82 -30.03 -12.62 -15.40
C PHE A 82 -29.05 -13.71 -14.97
N GLY A 83 -29.21 -14.22 -13.75
CA GLY A 83 -28.47 -15.36 -13.28
C GLY A 83 -27.31 -15.05 -12.35
N TYR A 84 -27.18 -13.79 -11.93
CA TYR A 84 -26.07 -13.44 -11.02
C TYR A 84 -26.13 -14.21 -9.70
N ASP A 85 -24.96 -14.59 -9.19
CA ASP A 85 -24.88 -15.44 -8.01
C ASP A 85 -25.01 -14.65 -6.71
N GLU A 86 -24.87 -13.34 -6.83
CA GLU A 86 -24.78 -12.45 -5.67
C GLU A 86 -25.11 -11.05 -6.13
N ILE A 87 -25.76 -10.26 -5.28
CA ILE A 87 -25.97 -8.84 -5.56
C ILE A 87 -25.18 -8.07 -4.53
N ASN A 88 -24.21 -7.28 -4.99
CA ASN A 88 -23.34 -6.50 -4.11
C ASN A 88 -23.76 -5.02 -4.14
N LEU A 89 -23.91 -4.41 -2.97
CA LEU A 89 -24.26 -3.00 -2.90
C LEU A 89 -23.00 -2.15 -2.70
N ASN A 90 -22.78 -1.20 -3.59
CA ASN A 90 -21.68 -0.25 -3.49
C ASN A 90 -21.97 0.79 -2.43
N LEU A 91 -21.19 0.76 -1.35
CA LEU A 91 -21.30 1.77 -0.32
C LEU A 91 -19.99 2.54 -0.19
N GLY A 92 -19.17 2.48 -1.24
CA GLY A 92 -17.84 3.06 -1.15
C GLY A 92 -17.43 4.09 -2.19
N CYS A 93 -18.29 4.34 -3.18
CA CYS A 93 -17.96 5.29 -4.24
C CYS A 93 -18.07 6.73 -3.74
N PRO A 94 -16.95 7.46 -3.72
CA PRO A 94 -16.93 8.85 -3.27
C PRO A 94 -16.87 9.83 -4.44
N SER A 95 -17.07 9.35 -5.66
CA SER A 95 -16.93 10.18 -6.85
C SER A 95 -17.94 11.32 -6.88
N GLU A 96 -17.66 12.33 -7.70
CA GLU A 96 -18.54 13.48 -7.85
C GLU A 96 -19.95 13.05 -8.30
N LYS A 97 -20.01 12.03 -9.15
CA LYS A 97 -21.29 11.51 -9.61
C LYS A 97 -22.04 10.85 -8.47
N ALA A 98 -21.33 10.03 -7.70
CA ALA A 98 -21.94 9.29 -6.59
C ALA A 98 -22.55 10.22 -5.55
N GLN A 99 -21.98 11.42 -5.42
CA GLN A 99 -22.47 12.38 -4.45
C GLN A 99 -23.77 13.06 -4.91
N GLU A 100 -23.79 13.52 -6.16
CA GLU A 100 -24.99 14.14 -6.71
C GLU A 100 -26.16 13.16 -6.74
N GLY A 101 -25.87 11.90 -7.01
CA GLY A 101 -26.89 10.87 -7.09
C GLY A 101 -27.29 10.34 -5.73
N GLY A 102 -26.52 10.70 -4.71
CA GLY A 102 -26.80 10.31 -3.34
C GLY A 102 -26.53 8.84 -3.04
N TYR A 103 -25.64 8.23 -3.81
CA TYR A 103 -25.27 6.84 -3.57
C TYR A 103 -23.78 6.67 -3.23
N GLY A 104 -23.36 5.42 -3.07
CA GLY A 104 -21.97 5.11 -2.74
C GLY A 104 -21.62 5.47 -1.30
N ALA A 105 -20.45 6.07 -1.12
CA ALA A 105 -19.95 6.40 0.22
C ALA A 105 -20.89 7.33 0.98
N CYS A 106 -21.62 8.18 0.25
CA CYS A 106 -22.54 9.14 0.85
C CYS A 106 -23.49 8.49 1.85
N LEU A 107 -23.93 7.27 1.53
CA LEU A 107 -24.97 6.59 2.29
C LEU A 107 -24.58 6.24 3.72
N LEU A 108 -23.30 5.98 3.95
CA LEU A 108 -22.82 5.63 5.29
C LEU A 108 -23.23 6.66 6.33
N LEU A 109 -23.56 7.87 5.88
CA LEU A 109 -23.95 8.94 6.78
C LEU A 109 -25.41 8.81 7.20
N ASP A 110 -26.08 7.79 6.67
CA ASP A 110 -27.47 7.52 7.03
C ASP A 110 -27.66 6.01 7.21
N LEU A 111 -27.25 5.51 8.38
CA LEU A 111 -27.35 4.09 8.66
C LEU A 111 -28.80 3.60 8.61
N ALA A 112 -29.73 4.44 9.05
CA ALA A 112 -31.13 4.08 8.99
C ALA A 112 -31.51 3.72 7.55
N ARG A 113 -31.14 4.56 6.59
CA ARG A 113 -31.48 4.31 5.19
C ARG A 113 -30.79 3.08 4.64
N VAL A 114 -29.52 2.91 5.00
CA VAL A 114 -28.77 1.75 4.55
C VAL A 114 -29.46 0.49 5.03
N ARG A 115 -29.90 0.52 6.29
CA ARG A 115 -30.60 -0.61 6.86
C ARG A 115 -31.85 -0.93 6.05
N GLU A 116 -32.66 0.08 5.76
CA GLU A 116 -33.87 -0.16 4.98
C GLU A 116 -33.55 -0.65 3.57
N ILE A 117 -32.47 -0.16 2.99
CA ILE A 117 -32.08 -0.63 1.66
C ILE A 117 -31.74 -2.12 1.65
N LEU A 118 -30.94 -2.55 2.62
CA LEU A 118 -30.49 -3.92 2.67
C LEU A 118 -31.60 -4.90 3.01
N LYS A 119 -32.51 -4.51 3.90
CA LYS A 119 -33.65 -5.35 4.19
C LYS A 119 -34.48 -5.55 2.93
N ALA A 120 -34.77 -4.47 2.22
CA ALA A 120 -35.57 -4.54 1.01
C ALA A 120 -34.91 -5.43 -0.02
N MET A 121 -33.60 -5.24 -0.20
CA MET A 121 -32.88 -6.03 -1.17
C MET A 121 -32.86 -7.51 -0.82
N GLY A 122 -32.63 -7.81 0.44
CA GLY A 122 -32.51 -9.18 0.90
C GLY A 122 -33.81 -9.95 0.76
N GLU A 123 -34.94 -9.28 0.98
CA GLU A 123 -36.26 -9.91 0.83
C GLU A 123 -36.66 -10.11 -0.63
N ALA A 124 -36.06 -9.30 -1.51
CA ALA A 124 -36.42 -9.29 -2.93
C ALA A 124 -35.84 -10.47 -3.72
N VAL A 125 -34.69 -10.97 -3.29
CA VAL A 125 -33.98 -12.01 -4.03
C VAL A 125 -33.54 -13.14 -3.11
N ARG A 126 -33.30 -14.32 -3.70
CA ARG A 126 -32.88 -15.48 -2.93
C ARG A 126 -31.36 -15.63 -2.89
N VAL A 127 -30.65 -14.98 -3.81
CA VAL A 127 -29.19 -14.98 -3.76
C VAL A 127 -28.69 -14.02 -2.69
N PRO A 128 -27.45 -14.23 -2.25
CA PRO A 128 -26.90 -13.37 -1.19
C PRO A 128 -26.83 -11.90 -1.59
N VAL A 129 -27.18 -11.00 -0.67
CA VAL A 129 -26.92 -9.58 -0.86
C VAL A 129 -25.74 -9.20 0.04
N THR A 130 -24.71 -8.63 -0.57
CA THR A 130 -23.45 -8.31 0.11
C THR A 130 -23.16 -6.83 -0.03
N VAL A 131 -22.16 -6.34 0.71
CA VAL A 131 -21.80 -4.93 0.64
C VAL A 131 -20.30 -4.75 0.33
N LYS A 132 -19.98 -3.67 -0.37
CA LYS A 132 -18.59 -3.22 -0.50
C LYS A 132 -18.51 -1.79 0.02
N MET A 133 -17.58 -1.54 0.93
CA MET A 133 -17.58 -0.26 1.63
C MET A 133 -16.16 0.20 1.87
N ARG A 134 -16.00 1.45 2.26
CA ARG A 134 -14.68 1.97 2.69
C ARG A 134 -14.55 1.93 4.21
N LEU A 135 -13.42 2.37 4.73
CA LEU A 135 -13.20 2.43 6.17
C LEU A 135 -14.02 3.53 6.82
N GLY A 136 -14.36 4.54 6.02
CA GLY A 136 -15.08 5.70 6.52
C GLY A 136 -14.77 6.92 5.68
N LEU A 137 -15.38 8.04 6.04
CA LEU A 137 -15.19 9.28 5.30
C LEU A 137 -14.03 10.05 5.91
N GLU A 138 -13.12 10.51 5.07
CA GLU A 138 -11.90 11.13 5.55
C GLU A 138 -12.19 12.21 6.59
N GLY A 139 -11.39 12.24 7.64
CA GLY A 139 -11.59 13.17 8.74
C GLY A 139 -12.10 12.46 9.97
N LYS A 140 -13.27 11.84 9.85
CA LYS A 140 -13.87 11.14 10.99
C LYS A 140 -13.88 9.63 10.80
N GLU A 141 -12.73 9.08 10.44
CA GLU A 141 -12.55 7.63 10.40
C GLU A 141 -12.17 7.13 11.79
N THR A 142 -13.05 6.33 12.39
CA THR A 142 -12.76 5.68 13.66
C THR A 142 -13.15 4.21 13.55
N TYR A 143 -12.50 3.37 14.35
CA TYR A 143 -12.83 1.96 14.29
C TYR A 143 -14.24 1.75 14.86
N ARG A 144 -14.56 2.47 15.93
CA ARG A 144 -15.89 2.39 16.53
C ARG A 144 -16.97 2.68 15.50
N GLY A 145 -16.79 3.76 14.75
CA GLY A 145 -17.70 4.10 13.67
C GLY A 145 -17.86 3.00 12.63
N LEU A 146 -16.74 2.45 12.17
CA LEU A 146 -16.75 1.35 11.22
C LEU A 146 -17.52 0.15 11.78
N ALA A 147 -17.22 -0.21 13.02
CA ALA A 147 -17.91 -1.33 13.67
C ALA A 147 -19.40 -1.06 13.83
N GLN A 148 -19.76 0.19 14.15
CA GLN A 148 -21.16 0.53 14.30
C GLN A 148 -21.90 0.35 12.98
N SER A 149 -21.22 0.69 11.87
CA SER A 149 -21.80 0.53 10.55
C SER A 149 -22.00 -0.93 10.20
N VAL A 150 -21.01 -1.74 10.52
CA VAL A 150 -21.09 -3.17 10.21
C VAL A 150 -22.24 -3.81 11.00
N GLU A 151 -22.31 -3.49 12.29
CA GLU A 151 -23.35 -4.05 13.16
C GLU A 151 -24.74 -3.75 12.62
N ALA A 152 -24.95 -2.51 12.21
CA ALA A 152 -26.23 -2.09 11.64
C ALA A 152 -26.58 -2.87 10.37
N MET A 153 -25.60 -3.05 9.50
CA MET A 153 -25.88 -3.77 8.26
C MET A 153 -26.09 -5.26 8.51
N ALA A 154 -25.41 -5.78 9.53
CA ALA A 154 -25.61 -7.17 9.91
C ALA A 154 -27.02 -7.40 10.48
N GLU A 155 -27.55 -6.42 11.19
CA GLU A 155 -28.92 -6.50 11.68
C GLU A 155 -29.88 -6.56 10.51
N ALA A 156 -29.48 -5.99 9.38
CA ALA A 156 -30.35 -5.98 8.20
C ALA A 156 -30.22 -7.27 7.40
N GLY A 157 -29.37 -8.19 7.89
CA GLY A 157 -29.22 -9.48 7.25
C GLY A 157 -27.93 -9.72 6.47
N VAL A 158 -27.10 -8.71 6.31
CA VAL A 158 -25.89 -8.90 5.53
C VAL A 158 -24.86 -9.75 6.29
N LYS A 159 -24.26 -10.70 5.57
CA LYS A 159 -23.21 -11.54 6.16
C LYS A 159 -21.83 -11.31 5.59
N VAL A 160 -21.75 -10.91 4.33
CA VAL A 160 -20.47 -10.71 3.63
C VAL A 160 -20.17 -9.23 3.43
N PHE A 161 -19.03 -8.80 3.98
CA PHE A 161 -18.59 -7.41 3.89
C PHE A 161 -17.26 -7.34 3.19
N VAL A 162 -17.23 -6.66 2.06
CA VAL A 162 -15.97 -6.41 1.38
C VAL A 162 -15.54 -5.02 1.78
N VAL A 163 -14.37 -4.91 2.41
CA VAL A 163 -13.95 -3.62 2.94
C VAL A 163 -12.71 -3.16 2.21
N HIS A 164 -12.83 -2.06 1.45
CA HIS A 164 -11.68 -1.40 0.87
C HIS A 164 -11.06 -0.59 2.02
N ALA A 165 -9.88 -1.03 2.45
CA ALA A 165 -9.40 -0.66 3.76
C ALA A 165 -8.71 0.71 3.80
N ARG A 166 -9.28 1.68 3.07
CA ARG A 166 -8.77 3.04 3.09
C ARG A 166 -9.95 4.01 3.21
N SER A 167 -9.78 5.06 4.01
CA SER A 167 -10.84 6.06 4.10
C SER A 167 -11.00 6.81 2.77
N ALA A 168 -12.16 7.40 2.57
CA ALA A 168 -12.52 7.97 1.28
C ALA A 168 -12.50 9.50 1.24
N LEU A 169 -12.21 10.03 0.07
CA LEU A 169 -12.38 11.46 -0.23
C LEU A 169 -12.31 11.70 -1.73
N ILE A 180 -2.98 11.65 1.76
CA ILE A 180 -3.59 10.39 1.37
C ILE A 180 -3.65 9.42 2.53
N PRO A 181 -4.87 9.08 2.98
CA PRO A 181 -5.10 8.22 4.14
C PRO A 181 -4.55 6.84 3.87
N PRO A 182 -3.90 6.21 4.88
CA PRO A 182 -3.21 4.95 4.62
C PRO A 182 -4.15 3.75 4.64
N LEU A 183 -3.69 2.64 4.08
CA LEU A 183 -4.39 1.38 4.23
C LEU A 183 -4.36 0.92 5.67
N ARG A 184 -5.52 0.47 6.15
CA ARG A 184 -5.64 -0.04 7.49
C ARG A 184 -6.22 -1.45 7.43
N HIS A 185 -5.46 -2.39 6.86
CA HIS A 185 -5.95 -3.77 6.81
C HIS A 185 -6.16 -4.31 8.21
N ASP A 186 -5.39 -3.79 9.17
CA ASP A 186 -5.51 -4.24 10.56
C ASP A 186 -6.92 -3.99 11.08
N TRP A 187 -7.58 -2.93 10.61
CA TRP A 187 -8.97 -2.72 11.02
C TRP A 187 -9.89 -3.83 10.52
N VAL A 188 -9.67 -4.34 9.31
CA VAL A 188 -10.48 -5.44 8.81
C VAL A 188 -10.18 -6.72 9.58
N HIS A 189 -8.91 -6.92 9.93
CA HIS A 189 -8.56 -8.05 10.79
C HIS A 189 -9.33 -7.90 12.12
N ARG A 190 -9.40 -6.69 12.66
CA ARG A 190 -10.08 -6.44 13.92
C ARG A 190 -11.58 -6.72 13.81
N LEU A 191 -12.16 -6.32 12.68
CA LEU A 191 -13.57 -6.59 12.43
C LEU A 191 -13.85 -8.09 12.53
N LYS A 192 -12.98 -8.90 11.92
CA LYS A 192 -13.17 -10.35 11.98
C LYS A 192 -13.16 -10.83 13.42
N GLY A 193 -12.29 -10.25 14.23
CA GLY A 193 -12.22 -10.59 15.64
C GLY A 193 -13.46 -10.18 16.40
N ASP A 194 -14.04 -9.04 16.05
CA ASP A 194 -15.21 -8.54 16.76
C ASP A 194 -16.53 -9.18 16.29
N PHE A 195 -16.56 -9.61 15.02
CA PHE A 195 -17.76 -10.17 14.41
C PHE A 195 -17.45 -11.52 13.79
N PRO A 196 -17.10 -12.52 14.62
CA PRO A 196 -16.59 -13.80 14.11
C PRO A 196 -17.58 -14.50 13.19
N GLN A 197 -18.87 -14.23 13.40
CA GLN A 197 -19.95 -14.87 12.65
C GLN A 197 -20.15 -14.28 11.25
N LEU A 198 -19.58 -13.10 11.00
CA LEU A 198 -19.68 -12.46 9.68
C LEU A 198 -18.46 -12.77 8.83
N THR A 199 -18.56 -12.53 7.53
CA THR A 199 -17.49 -12.83 6.61
C THR A 199 -16.88 -11.54 6.13
N PHE A 200 -15.54 -11.41 6.25
CA PHE A 200 -14.89 -10.17 5.83
C PHE A 200 -13.86 -10.40 4.75
N VAL A 201 -13.94 -9.61 3.70
CA VAL A 201 -13.01 -9.68 2.57
C VAL A 201 -12.29 -8.36 2.54
N THR A 202 -10.96 -8.39 2.65
CA THR A 202 -10.19 -7.17 2.66
C THR A 202 -9.72 -6.82 1.24
N ASN A 203 -9.46 -5.53 1.01
CA ASN A 203 -9.20 -5.03 -0.33
C ASN A 203 -8.39 -3.75 -0.23
N GLY A 204 -7.43 -3.60 -1.14
CA GLY A 204 -6.68 -2.37 -1.23
C GLY A 204 -5.20 -2.68 -1.28
N GLY A 205 -4.60 -2.44 -2.44
CA GLY A 205 -3.15 -2.50 -2.59
C GLY A 205 -2.50 -3.88 -2.55
N ILE A 206 -3.30 -4.92 -2.66
CA ILE A 206 -2.77 -6.29 -2.63
C ILE A 206 -2.27 -6.62 -4.03
N ARG A 207 -0.97 -6.88 -4.14
CA ARG A 207 -0.33 -6.90 -5.45
C ARG A 207 0.14 -8.28 -5.91
N SER A 208 -0.11 -9.30 -5.11
CA SER A 208 0.41 -10.63 -5.43
C SER A 208 -0.37 -11.65 -4.67
N LEU A 209 -0.32 -12.90 -5.13
CA LEU A 209 -1.03 -13.96 -4.42
C LEU A 209 -0.40 -14.20 -3.06
N GLU A 210 0.92 -14.06 -2.97
CA GLU A 210 1.62 -14.20 -1.71
C GLU A 210 1.09 -13.19 -0.69
N GLU A 211 0.92 -11.94 -1.12
CA GLU A 211 0.32 -10.91 -0.25
C GLU A 211 -1.11 -11.29 0.11
N ALA A 212 -1.85 -11.89 -0.83
CA ALA A 212 -3.22 -12.28 -0.50
C ALA A 212 -3.24 -13.37 0.57
N LEU A 213 -2.33 -14.33 0.46
CA LEU A 213 -2.29 -15.43 1.40
C LEU A 213 -1.93 -14.93 2.80
N PHE A 214 -1.09 -13.91 2.87
CA PHE A 214 -0.79 -13.24 4.15
C PHE A 214 -2.10 -12.78 4.81
N HIS A 215 -2.98 -12.15 4.05
CA HIS A 215 -4.21 -11.64 4.61
C HIS A 215 -5.24 -12.75 4.87
N LEU A 216 -5.22 -13.79 4.05
CA LEU A 216 -6.12 -14.92 4.25
C LEU A 216 -5.92 -15.64 5.59
N LYS A 217 -4.80 -15.40 6.24
CA LYS A 217 -4.55 -15.94 7.57
C LYS A 217 -5.33 -15.17 8.64
N ARG A 218 -5.88 -14.02 8.26
CA ARG A 218 -6.48 -13.10 9.23
C ARG A 218 -7.95 -12.84 8.93
N VAL A 219 -8.30 -12.87 7.65
CA VAL A 219 -9.69 -12.61 7.25
C VAL A 219 -10.16 -13.71 6.32
N ASP A 220 -11.44 -13.66 5.94
CA ASP A 220 -12.03 -14.74 5.17
C ASP A 220 -11.69 -14.67 3.70
N GLY A 221 -11.43 -13.47 3.19
CA GLY A 221 -11.21 -13.32 1.77
C GLY A 221 -10.35 -12.12 1.40
N VAL A 222 -9.88 -12.13 0.15
CA VAL A 222 -9.10 -11.03 -0.38
C VAL A 222 -9.62 -10.67 -1.75
N MET A 223 -9.75 -9.37 -2.00
CA MET A 223 -10.19 -8.89 -3.31
C MET A 223 -9.05 -8.11 -3.96
N LEU A 224 -8.71 -8.50 -5.20
CA LEU A 224 -7.65 -7.81 -5.97
C LEU A 224 -8.21 -7.09 -7.19
N GLY A 225 -7.85 -5.82 -7.35
CA GLY A 225 -8.35 -5.06 -8.48
C GLY A 225 -7.26 -4.71 -9.47
N ARG A 226 -6.58 -3.61 -9.20
CA ARG A 226 -5.59 -3.10 -10.12
C ARG A 226 -4.50 -4.10 -10.54
N ALA A 227 -4.02 -4.91 -9.60
CA ALA A 227 -2.93 -5.85 -9.92
C ALA A 227 -3.35 -6.86 -10.99
N VAL A 228 -4.64 -7.21 -10.97
CA VAL A 228 -5.16 -8.21 -11.92
C VAL A 228 -5.35 -7.57 -13.29
N TYR A 229 -5.81 -6.33 -13.31
CA TYR A 229 -5.92 -5.68 -14.60
C TYR A 229 -4.53 -5.40 -15.22
N GLU A 230 -3.57 -5.03 -14.39
CA GLU A 230 -2.22 -4.83 -14.89
C GLU A 230 -1.55 -6.12 -15.39
N ASP A 231 -1.91 -7.26 -14.81
CA ASP A 231 -1.26 -8.53 -15.13
C ASP A 231 -2.17 -9.68 -14.66
N PRO A 232 -3.08 -10.13 -15.54
CA PRO A 232 -4.03 -11.15 -15.13
C PRO A 232 -3.36 -12.39 -14.56
N PHE A 233 -2.15 -12.70 -15.00
CA PHE A 233 -1.44 -13.89 -14.50
C PHE A 233 -0.89 -13.74 -13.08
N VAL A 234 -1.17 -12.61 -12.45
CA VAL A 234 -0.98 -12.52 -11.00
C VAL A 234 -1.84 -13.61 -10.31
N LEU A 235 -2.90 -14.04 -11.00
CA LEU A 235 -3.75 -15.13 -10.50
C LEU A 235 -3.37 -16.53 -10.98
N GLU A 236 -2.23 -16.68 -11.64
CA GLU A 236 -1.85 -17.98 -12.21
C GLU A 236 -1.92 -19.15 -11.24
N GLU A 237 -1.49 -18.95 -10.00
CA GLU A 237 -1.43 -20.03 -9.02
C GLU A 237 -2.63 -20.10 -8.10
N ALA A 238 -3.63 -19.25 -8.35
CA ALA A 238 -4.79 -19.17 -7.45
C ALA A 238 -5.57 -20.47 -7.38
N ASP A 239 -5.81 -21.10 -8.53
CA ASP A 239 -6.63 -22.30 -8.51
C ASP A 239 -5.98 -23.39 -7.66
N ARG A 240 -4.65 -23.51 -7.78
CA ARG A 240 -3.90 -24.51 -7.02
C ARG A 240 -3.74 -24.10 -5.56
N ARG A 241 -3.27 -22.87 -5.34
CA ARG A 241 -2.84 -22.48 -4.00
C ARG A 241 -3.97 -22.00 -3.11
N VAL A 242 -5.01 -21.43 -3.72
CA VAL A 242 -6.17 -21.00 -2.94
C VAL A 242 -7.33 -22.02 -2.99
N PHE A 243 -7.68 -22.48 -4.18
CA PHE A 243 -8.89 -23.30 -4.33
C PHE A 243 -8.65 -24.81 -4.34
N GLY A 244 -7.39 -25.21 -4.29
CA GLY A 244 -7.05 -26.62 -4.23
C GLY A 244 -7.35 -27.40 -5.50
N LEU A 245 -7.42 -26.70 -6.63
CA LEU A 245 -7.68 -27.33 -7.92
C LEU A 245 -6.38 -27.68 -8.63
N PRO A 246 -6.30 -28.89 -9.19
CA PRO A 246 -5.10 -29.35 -9.90
C PRO A 246 -5.06 -28.76 -11.30
N ARG A 247 -5.05 -27.44 -11.36
CA ARG A 247 -5.16 -26.72 -12.62
C ARG A 247 -4.14 -25.60 -12.65
N ARG A 248 -3.47 -25.42 -13.77
CA ARG A 248 -2.55 -24.29 -13.92
C ARG A 248 -2.56 -23.79 -15.35
N PRO A 249 -3.02 -22.55 -15.55
CA PRO A 249 -3.17 -21.95 -16.88
C PRO A 249 -1.83 -21.61 -17.49
N SER A 250 -1.77 -21.60 -18.82
CA SER A 250 -0.62 -21.06 -19.54
C SER A 250 -1.10 -19.85 -20.34
N ARG A 251 -0.21 -18.89 -20.56
CA ARG A 251 -0.61 -17.64 -21.23
C ARG A 251 -1.01 -17.90 -22.67
N LEU A 252 -0.26 -18.80 -23.33
CA LEU A 252 -0.58 -19.20 -24.70
C LEU A 252 -1.94 -19.90 -24.81
N GLU A 253 -2.26 -20.78 -23.85
CA GLU A 253 -3.57 -21.43 -23.84
C GLU A 253 -4.68 -20.41 -23.67
N VAL A 254 -4.49 -19.49 -22.73
CA VAL A 254 -5.46 -18.42 -22.52
C VAL A 254 -5.64 -17.58 -23.78
N ALA A 255 -4.53 -17.22 -24.41
CA ALA A 255 -4.60 -16.44 -25.64
C ALA A 255 -5.36 -17.17 -26.75
N ARG A 256 -5.11 -18.47 -26.88
CA ARG A 256 -5.82 -19.26 -27.90
C ARG A 256 -7.32 -19.31 -27.60
N ARG A 257 -7.67 -19.39 -26.32
CA ARG A 257 -9.08 -19.42 -25.96
C ARG A 257 -9.71 -18.05 -26.24
N MET A 258 -8.96 -16.99 -25.96
CA MET A 258 -9.42 -15.63 -26.24
C MET A 258 -9.61 -15.36 -27.74
N ARG A 259 -8.77 -15.99 -28.58
CA ARG A 259 -8.87 -15.87 -30.02
C ARG A 259 -10.20 -16.46 -30.49
N ALA A 260 -10.53 -17.66 -30.01
CA ALA A 260 -11.82 -18.28 -30.33
C ALA A 260 -13.02 -17.43 -29.86
N TYR A 261 -12.90 -16.85 -28.67
CA TYR A 261 -13.92 -15.96 -28.12
C TYR A 261 -14.06 -14.72 -29.00
N LEU A 262 -12.93 -14.12 -29.39
CA LEU A 262 -12.99 -12.90 -30.21
C LEU A 262 -13.65 -13.19 -31.55
N GLU A 263 -13.26 -14.30 -32.17
CA GLU A 263 -13.85 -14.64 -33.46
C GLU A 263 -15.38 -14.70 -33.38
N GLU A 264 -15.87 -15.37 -32.34
CA GLU A 264 -17.31 -15.52 -32.15
C GLU A 264 -17.96 -14.18 -31.81
N GLU A 265 -17.34 -13.42 -30.93
CA GLU A 265 -17.90 -12.13 -30.49
C GLU A 265 -17.97 -11.13 -31.63
N VAL A 266 -16.94 -11.07 -32.47
CA VAL A 266 -17.00 -10.15 -33.59
C VAL A 266 -18.13 -10.53 -34.56
N LEU A 267 -18.33 -11.83 -34.78
CA LEU A 267 -19.45 -12.26 -35.61
C LEU A 267 -20.79 -11.89 -34.97
N LYS A 268 -20.84 -11.93 -33.64
CA LYS A 268 -22.06 -11.54 -32.93
C LYS A 268 -22.33 -10.03 -32.91
N GLY A 269 -21.36 -9.24 -33.37
CA GLY A 269 -21.53 -7.80 -33.51
C GLY A 269 -20.70 -6.98 -32.53
N THR A 270 -19.82 -7.64 -31.79
CA THR A 270 -18.96 -6.93 -30.86
C THR A 270 -17.77 -6.30 -31.59
N PRO A 271 -17.50 -5.01 -31.35
CA PRO A 271 -16.34 -4.39 -31.95
C PRO A 271 -15.09 -5.08 -31.40
N PRO A 272 -14.14 -5.42 -32.27
CA PRO A 272 -12.99 -6.22 -31.83
C PRO A 272 -12.24 -5.55 -30.67
N TRP A 273 -12.12 -4.22 -30.68
CA TRP A 273 -11.34 -3.52 -29.64
C TRP A 273 -11.97 -3.66 -28.26
N ALA A 274 -13.29 -3.86 -28.21
CA ALA A 274 -13.95 -4.05 -26.90
C ALA A 274 -13.37 -5.25 -26.16
N VAL A 275 -12.86 -6.22 -26.91
CA VAL A 275 -12.28 -7.43 -26.35
C VAL A 275 -10.76 -7.24 -26.25
N LEU A 276 -10.16 -6.80 -27.35
CA LEU A 276 -8.69 -6.69 -27.45
C LEU A 276 -8.07 -5.71 -26.46
N ARG A 277 -8.79 -4.64 -26.13
CA ARG A 277 -8.22 -3.65 -25.23
C ARG A 277 -7.93 -4.26 -23.84
N HIS A 278 -8.61 -5.35 -23.51
CA HIS A 278 -8.41 -6.01 -22.23
C HIS A 278 -7.40 -7.18 -22.26
N MET A 279 -6.74 -7.38 -23.41
CA MET A 279 -5.81 -8.48 -23.58
C MET A 279 -4.36 -8.00 -23.70
N LEU A 280 -4.12 -6.71 -23.52
CA LEU A 280 -2.82 -6.13 -23.85
C LEU A 280 -1.75 -6.56 -22.85
N ASN A 281 -2.19 -6.96 -21.67
CA ASN A 281 -1.26 -7.27 -20.58
C ASN A 281 -1.08 -8.76 -20.35
N LEU A 282 -1.62 -9.58 -21.25
CA LEU A 282 -1.57 -11.02 -21.04
C LEU A 282 -0.14 -11.54 -20.93
N PHE A 283 0.80 -10.91 -21.62
CA PHE A 283 2.20 -11.34 -21.55
C PHE A 283 3.11 -10.32 -20.83
N ARG A 284 2.55 -9.58 -19.87
CA ARG A 284 3.37 -8.62 -19.15
C ARG A 284 4.58 -9.31 -18.51
N GLY A 285 5.75 -8.74 -18.76
CA GLY A 285 7.00 -9.23 -18.20
C GLY A 285 7.56 -10.47 -18.86
N ARG A 286 6.96 -10.90 -19.96
CA ARG A 286 7.37 -12.12 -20.64
C ARG A 286 8.14 -11.75 -21.90
N PRO A 287 8.94 -12.69 -22.43
CA PRO A 287 9.60 -12.43 -23.71
C PRO A 287 8.57 -12.04 -24.75
N LYS A 288 8.84 -10.96 -25.48
CA LYS A 288 7.95 -10.45 -26.52
C LYS A 288 6.68 -9.82 -25.98
N GLY A 289 6.61 -9.61 -24.67
CA GLY A 289 5.47 -9.00 -24.06
C GLY A 289 5.09 -7.65 -24.66
N ARG A 290 6.08 -6.82 -24.93
CA ARG A 290 5.84 -5.49 -25.49
C ARG A 290 5.36 -5.56 -26.94
N LEU A 291 5.90 -6.51 -27.70
CA LEU A 291 5.47 -6.70 -29.08
C LEU A 291 4.01 -7.14 -29.12
N TRP A 292 3.64 -8.05 -28.21
CA TRP A 292 2.25 -8.48 -28.11
C TRP A 292 1.33 -7.27 -27.96
N ARG A 293 1.65 -6.40 -27.01
CA ARG A 293 0.87 -5.19 -26.78
C ARG A 293 0.77 -4.28 -28.01
N ARG A 294 1.90 -4.03 -28.67
CA ARG A 294 1.94 -3.16 -29.84
C ARG A 294 1.13 -3.73 -30.99
N LEU A 295 1.28 -5.03 -31.25
CA LEU A 295 0.55 -5.68 -32.34
C LEU A 295 -0.96 -5.57 -32.16
N LEU A 296 -1.44 -5.77 -30.93
CA LEU A 296 -2.88 -5.71 -30.71
C LEU A 296 -3.36 -4.27 -30.75
N SER A 297 -2.58 -3.37 -30.16
CA SER A 297 -2.94 -1.95 -30.13
C SER A 297 -2.96 -1.31 -31.51
N GLU A 298 -2.02 -1.67 -32.37
CA GLU A 298 -1.98 -1.13 -33.72
C GLU A 298 -3.03 -1.76 -34.62
N GLY A 299 -3.20 -3.08 -34.50
CA GLY A 299 -4.05 -3.80 -35.44
C GLY A 299 -5.52 -3.78 -35.08
N ARG A 300 -5.80 -4.01 -33.79
CA ARG A 300 -7.15 -4.03 -33.24
C ARG A 300 -8.11 -4.91 -34.04
N SER A 301 -7.65 -6.09 -34.42
CA SER A 301 -8.45 -6.99 -35.25
C SER A 301 -8.12 -8.43 -34.91
N LEU A 302 -8.99 -9.35 -35.32
CA LEU A 302 -8.73 -10.79 -35.21
C LEU A 302 -7.43 -11.13 -35.96
N GLN A 303 -7.22 -10.52 -37.13
CA GLN A 303 -6.01 -10.80 -37.88
C GLN A 303 -4.75 -10.40 -37.09
N ALA A 304 -4.79 -9.26 -36.42
CA ALA A 304 -3.65 -8.84 -35.60
C ALA A 304 -3.42 -9.81 -34.44
N LEU A 305 -4.49 -10.25 -33.81
CA LEU A 305 -4.34 -11.23 -32.74
C LEU A 305 -3.70 -12.52 -33.30
N ASP A 306 -4.13 -12.94 -34.49
CA ASP A 306 -3.55 -14.11 -35.13
C ASP A 306 -2.05 -13.95 -35.38
N ARG A 307 -1.63 -12.75 -35.78
CA ARG A 307 -0.22 -12.50 -36.02
C ARG A 307 0.54 -12.59 -34.72
N ALA A 308 -0.05 -12.00 -33.68
CA ALA A 308 0.59 -11.95 -32.36
C ALA A 308 0.69 -13.35 -31.77
N LEU A 309 -0.35 -14.15 -31.97
CA LEU A 309 -0.33 -15.55 -31.55
C LEU A 309 0.80 -16.34 -32.19
N ARG A 310 0.94 -16.20 -33.50
CA ARG A 310 1.98 -16.94 -34.20
C ARG A 310 3.37 -16.60 -33.67
N LEU A 311 3.60 -15.33 -33.38
CA LEU A 311 4.92 -14.92 -32.89
C LEU A 311 5.19 -15.47 -31.49
N MET A 312 4.14 -15.50 -30.65
CA MET A 312 4.27 -16.05 -29.31
C MET A 312 4.47 -17.57 -29.32
N GLU A 313 3.76 -18.26 -30.20
CA GLU A 313 3.87 -19.71 -30.31
C GLU A 313 5.25 -20.12 -30.78
N GLU A 314 5.89 -19.25 -31.55
CA GLU A 314 7.25 -19.49 -32.02
C GLU A 314 8.23 -19.18 -30.91
N GLU A 315 7.83 -18.27 -30.03
CA GLU A 315 8.70 -17.82 -28.96
C GLU A 315 8.82 -18.86 -27.84
N VAL A 316 7.69 -19.38 -27.37
CA VAL A 316 7.72 -20.33 -26.25
C VAL A 316 7.86 -21.78 -26.69
N GLY A 317 7.20 -22.13 -27.80
CA GLY A 317 7.20 -23.50 -28.28
C GLY A 317 6.03 -24.30 -27.77
N GLU A 318 6.30 -25.52 -27.32
CA GLU A 318 5.24 -26.45 -26.88
C GLU A 318 5.57 -27.09 -25.54
N LEU B 2 26.67 -2.77 10.29
CA LEU B 2 25.40 -2.25 9.81
C LEU B 2 24.40 -3.39 9.67
N ASP B 3 23.44 -3.45 10.60
CA ASP B 3 22.35 -4.43 10.51
C ASP B 3 21.23 -3.80 9.70
N PRO B 4 21.01 -4.30 8.47
CA PRO B 4 20.07 -3.60 7.59
C PRO B 4 18.65 -4.04 7.82
N ARG B 5 18.43 -5.01 8.73
CA ARG B 5 17.13 -5.62 8.85
C ARG B 5 15.99 -4.63 9.09
N LEU B 6 16.18 -3.60 9.93
CA LEU B 6 15.04 -2.74 10.26
C LEU B 6 15.44 -1.29 10.55
N SER B 7 14.78 -0.34 9.89
CA SER B 7 15.10 1.06 10.08
C SER B 7 13.87 1.95 10.08
N VAL B 8 13.98 3.10 10.73
CA VAL B 8 12.95 4.13 10.64
C VAL B 8 13.36 5.13 9.56
N ALA B 9 12.42 5.48 8.68
CA ALA B 9 12.74 6.31 7.54
C ALA B 9 13.10 7.74 7.93
N PRO B 10 14.00 8.37 7.16
CA PRO B 10 14.23 9.80 7.30
C PRO B 10 12.97 10.56 6.90
N MET B 11 12.55 11.51 7.74
CA MET B 11 11.35 12.30 7.51
C MET B 11 11.54 13.74 8.00
N VAL B 12 11.71 14.66 7.06
CA VAL B 12 11.78 16.08 7.40
C VAL B 12 10.64 16.52 8.34
N ASP B 13 11.02 17.31 9.35
CA ASP B 13 10.11 17.82 10.39
C ASP B 13 9.59 16.75 11.31
N ARG B 14 10.13 15.54 11.17
CA ARG B 14 9.72 14.44 12.04
C ARG B 14 10.89 13.77 12.76
N THR B 15 11.86 13.28 12.00
CA THR B 15 12.91 12.50 12.63
C THR B 15 14.08 13.35 13.10
N ASP B 16 13.78 14.41 13.87
CA ASP B 16 14.80 15.16 14.59
C ASP B 16 15.25 14.35 15.81
N ARG B 17 16.22 14.87 16.56
CA ARG B 17 16.80 14.05 17.61
C ARG B 17 15.79 13.72 18.72
N HIS B 18 14.76 14.53 18.85
CA HIS B 18 13.78 14.29 19.92
C HIS B 18 12.89 13.10 19.61
N PHE B 19 12.40 13.03 18.38
CA PHE B 19 11.62 11.88 17.97
C PHE B 19 12.50 10.64 17.92
N ARG B 20 13.73 10.80 17.46
CA ARG B 20 14.62 9.65 17.38
C ARG B 20 14.88 9.08 18.77
N PHE B 21 15.07 9.96 19.76
CA PHE B 21 15.28 9.49 21.12
C PHE B 21 14.07 8.68 21.61
N LEU B 22 12.86 9.16 21.29
CA LEU B 22 11.66 8.43 21.69
C LEU B 22 11.60 7.04 21.06
N VAL B 23 11.87 6.97 19.76
CA VAL B 23 11.80 5.66 19.10
C VAL B 23 12.81 4.72 19.75
N ARG B 24 13.98 5.27 20.10
CA ARG B 24 15.03 4.46 20.72
C ARG B 24 14.56 3.86 22.05
N GLN B 25 13.63 4.52 22.73
CA GLN B 25 13.05 3.99 23.96
C GLN B 25 12.16 2.77 23.69
N VAL B 26 11.59 2.69 22.49
CA VAL B 26 10.76 1.56 22.07
C VAL B 26 11.61 0.40 21.58
N SER B 27 12.66 0.70 20.80
CA SER B 27 13.51 -0.33 20.22
C SER B 27 14.98 0.06 20.26
N LEU B 28 15.77 -0.75 20.95
CA LEU B 28 17.19 -0.51 21.04
C LEU B 28 17.86 -0.84 19.72
N GLY B 29 17.25 -1.78 18.98
CA GLY B 29 17.89 -2.32 17.79
C GLY B 29 17.71 -1.55 16.49
N VAL B 30 16.58 -0.87 16.35
CA VAL B 30 16.22 -0.25 15.06
C VAL B 30 17.21 0.82 14.62
N ARG B 31 17.57 0.82 13.34
CA ARG B 31 18.47 1.85 12.81
C ARG B 31 17.70 3.15 12.59
N LEU B 32 18.26 4.27 13.04
CA LEU B 32 17.57 5.55 12.91
C LEU B 32 18.23 6.40 11.82
N TYR B 33 17.44 7.27 11.19
CA TYR B 33 17.93 8.17 10.12
C TYR B 33 17.56 9.61 10.49
N THR B 34 18.46 10.54 10.19
CA THR B 34 18.15 11.93 10.34
C THR B 34 17.14 12.37 9.28
N GLU B 35 16.58 13.55 9.47
CA GLU B 35 15.89 14.21 8.38
C GLU B 35 16.90 14.45 7.26
N MET B 36 16.42 14.52 6.02
CA MET B 36 17.28 14.97 4.92
C MET B 36 17.96 16.28 5.30
N THR B 37 19.29 16.33 5.17
CA THR B 37 20.03 17.49 5.57
C THR B 37 20.88 17.94 4.38
N VAL B 38 20.68 19.19 3.93
CA VAL B 38 21.34 19.66 2.71
C VAL B 38 22.82 19.92 2.94
N ASP B 39 23.66 19.58 1.96
CA ASP B 39 25.10 19.64 2.21
C ASP B 39 25.54 21.07 2.51
N GLN B 40 24.96 22.03 1.81
CA GLN B 40 25.41 23.41 2.03
C GLN B 40 25.00 23.92 3.41
N ALA B 41 23.92 23.37 3.96
CA ALA B 41 23.54 23.71 5.33
C ALA B 41 24.57 23.14 6.30
N VAL B 42 25.02 21.93 6.06
CA VAL B 42 26.11 21.37 6.88
C VAL B 42 27.36 22.28 6.81
N LEU B 43 27.69 22.71 5.61
CA LEU B 43 28.92 23.49 5.43
C LEU B 43 28.81 24.88 6.05
N ARG B 44 27.72 25.58 5.76
CA ARG B 44 27.60 27.00 6.09
C ARG B 44 26.73 27.33 7.29
N GLY B 45 26.04 26.33 7.82
CA GLY B 45 25.08 26.56 8.87
C GLY B 45 25.63 26.32 10.25
N ASN B 46 24.71 26.18 11.20
CA ASN B 46 25.05 25.94 12.57
C ASN B 46 25.22 24.44 12.76
N ARG B 47 26.45 23.94 12.65
CA ARG B 47 26.64 22.48 12.61
C ARG B 47 26.14 21.76 13.86
N GLU B 48 26.36 22.34 15.03
CA GLU B 48 25.84 21.74 16.27
C GLU B 48 24.33 21.55 16.25
N ARG B 49 23.57 22.58 15.89
CA ARG B 49 22.10 22.46 15.84
C ARG B 49 21.63 21.48 14.78
N LEU B 50 22.30 21.48 13.63
CA LEU B 50 21.89 20.61 12.56
C LEU B 50 22.19 19.17 12.89
N LEU B 51 23.36 18.92 13.50
CA LEU B 51 23.91 17.57 13.55
C LEU B 51 24.12 16.88 14.90
N ALA B 52 24.25 17.63 15.99
CA ALA B 52 24.52 17.01 17.29
C ALA B 52 23.36 16.07 17.67
N PHE B 53 23.71 14.94 18.27
CA PHE B 53 22.72 13.93 18.64
C PHE B 53 23.19 13.23 19.90
N ARG B 54 22.28 12.54 20.60
CA ARG B 54 22.68 11.89 21.84
C ARG B 54 23.19 10.48 21.56
N PRO B 55 24.18 10.02 22.34
CA PRO B 55 24.81 8.72 22.07
C PRO B 55 23.83 7.54 22.11
N GLU B 56 22.73 7.66 22.86
CA GLU B 56 21.73 6.59 22.85
C GLU B 56 21.14 6.34 21.47
N GLU B 57 21.20 7.34 20.59
CA GLU B 57 20.57 7.22 19.27
C GLU B 57 21.30 6.26 18.32
N HIS B 58 22.55 5.89 18.63
CA HIS B 58 23.23 4.85 17.82
C HIS B 58 22.42 3.56 17.89
N PRO B 59 22.32 2.81 16.77
CA PRO B 59 22.91 3.09 15.45
C PRO B 59 22.11 4.14 14.68
N ILE B 60 22.80 5.11 14.10
CA ILE B 60 22.12 6.21 13.40
C ILE B 60 22.85 6.64 12.10
N ALA B 61 22.07 6.88 11.05
CA ALA B 61 22.63 7.34 9.77
C ALA B 61 22.29 8.80 9.53
N LEU B 62 23.23 9.57 8.99
CA LEU B 62 22.95 10.93 8.56
C LEU B 62 22.62 10.92 7.07
N GLN B 63 21.48 11.50 6.70
CA GLN B 63 21.13 11.58 5.31
C GLN B 63 21.43 12.95 4.76
N LEU B 64 22.25 12.99 3.70
CA LEU B 64 22.61 14.23 3.04
C LEU B 64 21.94 14.35 1.68
N ALA B 65 21.72 15.58 1.24
CA ALA B 65 21.25 15.85 -0.11
C ALA B 65 22.20 16.87 -0.71
N GLY B 66 22.43 16.78 -2.01
CA GLY B 66 23.25 17.75 -2.74
C GLY B 66 23.58 17.28 -4.14
N SER B 67 24.39 18.06 -4.86
CA SER B 67 24.75 17.69 -6.23
C SER B 67 26.22 17.81 -6.55
N ASP B 68 26.99 18.46 -5.69
CA ASP B 68 28.40 18.70 -5.96
C ASP B 68 29.27 17.69 -5.22
N PRO B 69 30.11 16.94 -5.95
CA PRO B 69 30.89 15.90 -5.26
C PRO B 69 31.75 16.43 -4.10
N LYS B 70 32.48 17.52 -4.30
CA LYS B 70 33.34 18.02 -3.23
C LYS B 70 32.54 18.50 -2.01
N SER B 71 31.42 19.16 -2.25
CA SER B 71 30.57 19.64 -1.15
C SER B 71 29.99 18.47 -0.34
N LEU B 72 29.49 17.45 -1.02
CA LEU B 72 28.94 16.27 -0.34
C LEU B 72 30.01 15.48 0.39
N ALA B 73 31.19 15.37 -0.21
CA ALA B 73 32.30 14.70 0.47
C ALA B 73 32.66 15.42 1.78
N GLU B 74 32.73 16.75 1.74
CA GLU B 74 33.09 17.49 2.95
C GLU B 74 31.98 17.38 4.00
N ALA B 75 30.74 17.47 3.55
CA ALA B 75 29.63 17.30 4.47
C ALA B 75 29.62 15.91 5.07
N ALA B 76 30.01 14.90 4.30
CA ALA B 76 30.11 13.54 4.83
C ALA B 76 31.17 13.45 5.91
N ARG B 77 32.30 14.10 5.67
CA ARG B 77 33.39 14.08 6.66
C ARG B 77 32.94 14.74 7.95
N ILE B 78 32.19 15.82 7.82
CA ILE B 78 31.66 16.52 9.00
C ILE B 78 30.68 15.60 9.74
N GLY B 79 29.81 14.92 9.01
CA GLY B 79 28.87 14.01 9.64
C GLY B 79 29.61 12.91 10.36
N GLU B 80 30.66 12.39 9.74
CA GLU B 80 31.44 11.34 10.36
C GLU B 80 32.07 11.85 11.67
N ALA B 81 32.51 13.11 11.67
CA ALA B 81 33.13 13.71 12.86
C ALA B 81 32.12 13.83 14.01
N PHE B 82 30.86 14.04 13.66
CA PHE B 82 29.82 14.10 14.69
C PHE B 82 29.46 12.72 15.26
N GLY B 83 29.93 11.66 14.61
CA GLY B 83 29.77 10.33 15.15
C GLY B 83 28.75 9.45 14.42
N TYR B 84 28.20 9.92 13.31
CA TYR B 84 27.20 9.11 12.60
C TYR B 84 27.79 7.79 12.11
N ASP B 85 26.97 6.75 12.09
CA ASP B 85 27.45 5.40 11.80
C ASP B 85 27.47 5.11 10.30
N GLU B 86 26.74 5.93 9.55
CA GLU B 86 26.55 5.75 8.11
C GLU B 86 26.21 7.11 7.53
N ILE B 87 26.64 7.36 6.29
CA ILE B 87 26.19 8.53 5.55
C ILE B 87 25.32 8.06 4.39
N ASN B 88 24.07 8.51 4.37
CA ASN B 88 23.13 8.12 3.34
C ASN B 88 22.89 9.26 2.37
N LEU B 89 22.98 8.97 1.07
CA LEU B 89 22.71 10.01 0.08
C LEU B 89 21.30 9.90 -0.45
N ASN B 90 20.56 11.01 -0.37
CA ASN B 90 19.21 11.06 -0.91
C ASN B 90 19.21 11.17 -2.43
N LEU B 91 18.73 10.12 -3.09
CA LEU B 91 18.57 10.12 -4.54
C LEU B 91 17.10 9.83 -4.88
N GLY B 92 16.22 10.05 -3.92
CA GLY B 92 14.82 9.66 -4.08
C GLY B 92 13.84 10.81 -4.04
N CYS B 93 14.23 11.91 -3.42
CA CYS B 93 13.30 13.02 -3.22
C CYS B 93 12.87 13.59 -4.57
N PRO B 94 11.56 13.60 -4.84
CA PRO B 94 11.00 14.11 -6.09
C PRO B 94 10.29 15.43 -5.89
N SER B 95 10.51 16.08 -4.76
CA SER B 95 9.82 17.34 -4.47
C SER B 95 10.33 18.45 -5.39
N GLU B 96 9.53 19.49 -5.55
CA GLU B 96 9.92 20.64 -6.34
C GLU B 96 11.24 21.20 -5.80
N LYS B 97 11.35 21.25 -4.48
CA LYS B 97 12.56 21.74 -3.81
C LYS B 97 13.80 20.93 -4.22
N ALA B 98 13.63 19.63 -4.35
CA ALA B 98 14.73 18.76 -4.78
C ALA B 98 15.05 18.98 -6.26
N GLN B 99 14.03 19.02 -7.09
CA GLN B 99 14.20 19.28 -8.51
C GLN B 99 14.90 20.62 -8.72
N GLU B 100 14.32 21.69 -8.19
CA GLU B 100 14.97 23.00 -8.23
C GLU B 100 15.97 23.17 -7.09
N GLY B 101 16.68 22.09 -6.81
CA GLY B 101 17.79 22.09 -5.89
C GLY B 101 18.88 21.25 -6.52
N GLY B 102 18.52 20.60 -7.63
CA GLY B 102 19.45 19.79 -8.39
C GLY B 102 19.83 18.50 -7.69
N TYR B 103 19.17 18.18 -6.58
CA TYR B 103 19.47 16.96 -5.84
C TYR B 103 18.26 16.02 -5.77
N GLY B 104 18.47 14.87 -5.15
CA GLY B 104 17.40 13.89 -5.02
C GLY B 104 17.24 13.03 -6.26
N ALA B 105 15.98 12.68 -6.56
CA ALA B 105 15.67 11.72 -7.61
C ALA B 105 16.18 12.13 -9.00
N CYS B 106 16.11 13.43 -9.30
CA CYS B 106 16.47 13.94 -10.62
C CYS B 106 17.95 13.72 -10.97
N LEU B 107 18.78 13.49 -9.95
CA LEU B 107 20.20 13.23 -10.18
C LEU B 107 20.40 11.96 -11.00
N LEU B 108 19.49 11.00 -10.82
CA LEU B 108 19.62 9.69 -11.47
C LEU B 108 19.39 9.76 -12.97
N LEU B 109 19.10 10.97 -13.46
CA LEU B 109 19.09 11.21 -14.90
C LEU B 109 20.53 11.40 -15.37
N ASP B 110 21.42 11.65 -14.41
CA ASP B 110 22.85 11.83 -14.70
C ASP B 110 23.67 10.85 -13.86
N LEU B 111 23.82 9.64 -14.37
CA LEU B 111 24.54 8.60 -13.64
C LEU B 111 26.03 8.89 -13.53
N ALA B 112 26.56 9.62 -14.51
CA ALA B 112 27.97 10.03 -14.46
C ALA B 112 28.21 10.89 -13.23
N ARG B 113 27.32 11.85 -13.00
CA ARG B 113 27.45 12.73 -11.85
C ARG B 113 27.25 11.96 -10.55
N VAL B 114 26.27 11.05 -10.54
CA VAL B 114 26.04 10.25 -9.34
C VAL B 114 27.27 9.40 -8.98
N ARG B 115 27.90 8.81 -10.00
CA ARG B 115 29.11 8.04 -9.75
C ARG B 115 30.19 8.92 -9.12
N GLU B 116 30.39 10.12 -9.66
CA GLU B 116 31.43 11.00 -9.14
C GLU B 116 31.14 11.41 -7.71
N ILE B 117 29.87 11.70 -7.43
CA ILE B 117 29.48 12.04 -6.08
C ILE B 117 29.78 10.89 -5.14
N LEU B 118 29.38 9.69 -5.53
CA LEU B 118 29.50 8.53 -4.65
C LEU B 118 30.96 8.14 -4.45
N LYS B 119 31.75 8.24 -5.51
CA LYS B 119 33.19 8.03 -5.38
C LYS B 119 33.81 9.01 -4.38
N ALA B 120 33.55 10.30 -4.55
CA ALA B 120 34.10 11.32 -3.63
C ALA B 120 33.70 11.11 -2.18
N MET B 121 32.43 10.78 -1.97
CA MET B 121 31.90 10.57 -0.64
C MET B 121 32.55 9.35 0.00
N GLY B 122 32.63 8.27 -0.77
CA GLY B 122 33.16 7.00 -0.29
C GLY B 122 34.61 7.10 0.10
N GLU B 123 35.38 7.85 -0.68
CA GLU B 123 36.81 8.05 -0.39
C GLU B 123 37.05 9.01 0.78
N ALA B 124 36.07 9.82 1.12
CA ALA B 124 36.22 10.86 2.14
C ALA B 124 36.05 10.32 3.56
N VAL B 125 35.28 9.26 3.72
CA VAL B 125 34.92 8.78 5.04
C VAL B 125 35.16 7.28 5.16
N ARG B 126 35.26 6.80 6.39
CA ARG B 126 35.46 5.37 6.63
C ARG B 126 34.16 4.63 6.90
N VAL B 127 33.13 5.35 7.32
CA VAL B 127 31.82 4.74 7.57
C VAL B 127 31.15 4.48 6.22
N PRO B 128 30.19 3.56 6.19
CA PRO B 128 29.53 3.21 4.94
C PRO B 128 28.82 4.41 4.33
N VAL B 129 28.90 4.54 3.02
CA VAL B 129 28.04 5.49 2.29
C VAL B 129 26.97 4.69 1.55
N THR B 130 25.70 4.99 1.84
CA THR B 130 24.57 4.27 1.30
C THR B 130 23.69 5.20 0.48
N VAL B 131 22.70 4.65 -0.22
CA VAL B 131 21.85 5.46 -1.04
C VAL B 131 20.39 5.13 -0.71
N LYS B 132 19.53 6.14 -0.78
CA LYS B 132 18.09 5.92 -0.71
C LYS B 132 17.53 6.47 -2.01
N MET B 133 16.69 5.69 -2.70
CA MET B 133 16.24 6.05 -4.03
C MET B 133 14.81 5.58 -4.24
N ARG B 134 14.20 6.06 -5.32
CA ARG B 134 12.89 5.53 -5.68
C ARG B 134 13.01 4.49 -6.79
N LEU B 135 11.88 3.89 -7.14
CA LEU B 135 11.84 2.78 -8.09
C LEU B 135 12.14 3.34 -9.48
N GLY B 136 11.74 4.59 -9.68
CA GLY B 136 11.93 5.26 -10.93
C GLY B 136 11.33 6.64 -10.87
N LEU B 137 11.39 7.34 -12.00
CA LEU B 137 10.90 8.70 -12.13
C LEU B 137 9.76 8.75 -13.15
N GLU B 138 8.60 9.23 -12.72
CA GLU B 138 7.44 9.47 -13.59
C GLU B 138 6.75 8.22 -14.15
N GLY B 139 7.08 7.05 -13.61
CA GLY B 139 6.42 5.82 -14.00
C GLY B 139 6.89 5.29 -15.34
N LYS B 140 7.55 6.16 -16.12
CA LYS B 140 8.14 5.77 -17.39
C LYS B 140 9.12 4.62 -17.16
N GLU B 141 9.54 4.46 -15.92
CA GLU B 141 10.64 3.58 -15.57
C GLU B 141 10.31 2.10 -15.60
N THR B 142 11.35 1.30 -15.77
CA THR B 142 11.25 -0.13 -15.98
C THR B 142 12.16 -0.81 -14.99
N TYR B 143 12.05 -2.13 -14.86
CA TYR B 143 12.98 -2.83 -13.98
C TYR B 143 14.40 -2.74 -14.54
N ARG B 144 14.52 -2.90 -15.86
CA ARG B 144 15.83 -2.81 -16.51
C ARG B 144 16.53 -1.48 -16.16
N GLY B 145 15.80 -0.37 -16.24
CA GLY B 145 16.34 0.93 -15.89
C GLY B 145 16.76 1.04 -14.43
N LEU B 146 15.95 0.46 -13.54
CA LEU B 146 16.26 0.45 -12.12
C LEU B 146 17.59 -0.30 -11.87
N ALA B 147 17.72 -1.46 -12.51
CA ALA B 147 18.88 -2.30 -12.34
C ALA B 147 20.11 -1.61 -12.91
N GLN B 148 19.94 -0.89 -14.01
CA GLN B 148 21.05 -0.19 -14.63
C GLN B 148 21.59 0.87 -13.67
N SER B 149 20.69 1.57 -12.98
CA SER B 149 21.12 2.64 -12.08
C SER B 149 21.82 2.04 -10.86
N VAL B 150 21.31 0.91 -10.38
CA VAL B 150 21.91 0.22 -9.23
C VAL B 150 23.32 -0.28 -9.59
N GLU B 151 23.42 -0.89 -10.77
CA GLU B 151 24.72 -1.35 -11.27
C GLU B 151 25.73 -0.20 -11.33
N ALA B 152 25.31 0.96 -11.85
CA ALA B 152 26.20 2.11 -11.94
C ALA B 152 26.69 2.54 -10.56
N MET B 153 25.77 2.59 -9.61
CA MET B 153 26.13 3.03 -8.26
C MET B 153 26.96 1.99 -7.53
N ALA B 154 26.74 0.71 -7.83
CA ALA B 154 27.57 -0.34 -7.25
C ALA B 154 29.00 -0.25 -7.79
N GLU B 155 29.15 0.13 -9.05
CA GLU B 155 30.49 0.29 -9.63
C GLU B 155 31.25 1.40 -8.90
N ALA B 156 30.51 2.38 -8.39
CA ALA B 156 31.08 3.49 -7.63
C ALA B 156 31.31 3.11 -6.17
N GLY B 157 30.98 1.86 -5.81
CA GLY B 157 31.30 1.35 -4.49
C GLY B 157 30.15 1.17 -3.48
N VAL B 158 28.94 1.57 -3.86
CA VAL B 158 27.82 1.49 -2.91
C VAL B 158 27.39 0.05 -2.73
N LYS B 159 27.09 -0.33 -1.48
CA LYS B 159 26.64 -1.69 -1.18
C LYS B 159 25.19 -1.76 -0.66
N VAL B 160 24.76 -0.75 0.09
CA VAL B 160 23.43 -0.74 0.70
C VAL B 160 22.54 0.25 -0.01
N PHE B 161 21.41 -0.25 -0.53
CA PHE B 161 20.47 0.51 -1.32
C PHE B 161 19.12 0.41 -0.62
N VAL B 162 18.60 1.57 -0.20
CA VAL B 162 17.25 1.65 0.34
C VAL B 162 16.33 2.10 -0.81
N VAL B 163 15.38 1.24 -1.17
CA VAL B 163 14.57 1.55 -2.32
C VAL B 163 13.14 1.79 -1.88
N HIS B 164 12.68 3.02 -2.05
CA HIS B 164 11.27 3.33 -1.87
C HIS B 164 10.58 2.85 -3.13
N ALA B 165 9.79 1.78 -2.98
CA ALA B 165 9.44 0.95 -4.10
C ALA B 165 8.24 1.46 -4.88
N ARG B 166 8.17 2.78 -5.03
CA ARG B 166 7.13 3.40 -5.83
C ARG B 166 7.78 4.47 -6.71
N SER B 167 7.45 4.48 -7.98
CA SER B 167 7.98 5.49 -8.87
C SER B 167 7.48 6.87 -8.44
N ALA B 168 8.31 7.89 -8.66
CA ALA B 168 7.91 9.28 -8.46
C ALA B 168 7.07 9.79 -9.63
N LEU B 169 6.49 10.97 -9.46
CA LEU B 169 5.65 11.60 -10.50
C LEU B 169 4.59 10.64 -11.04
N ILE B 180 -1.64 7.13 -9.63
CA ILE B 180 -0.70 6.72 -8.60
C ILE B 180 0.03 5.44 -9.03
N PRO B 181 1.34 5.54 -9.29
CA PRO B 181 2.10 4.32 -9.55
C PRO B 181 2.04 3.42 -8.34
N PRO B 182 1.91 2.09 -8.55
CA PRO B 182 1.80 1.16 -7.43
C PRO B 182 3.14 0.87 -6.74
N LEU B 183 3.07 0.34 -5.53
CA LEU B 183 4.25 -0.20 -4.88
C LEU B 183 4.67 -1.47 -5.63
N ARG B 184 5.99 -1.61 -5.84
CA ARG B 184 6.54 -2.77 -6.52
C ARG B 184 7.64 -3.38 -5.67
N HIS B 185 7.26 -3.91 -4.50
CA HIS B 185 8.26 -4.53 -3.64
C HIS B 185 8.88 -5.72 -4.36
N ASP B 186 8.15 -6.28 -5.32
CA ASP B 186 8.64 -7.43 -6.07
C ASP B 186 9.88 -7.04 -6.88
N TRP B 187 9.97 -5.79 -7.30
CA TRP B 187 11.17 -5.37 -8.03
C TRP B 187 12.39 -5.34 -7.11
N VAL B 188 12.17 -5.07 -5.83
CA VAL B 188 13.29 -5.01 -4.87
C VAL B 188 13.76 -6.44 -4.61
N HIS B 189 12.81 -7.38 -4.56
CA HIS B 189 13.15 -8.79 -4.43
C HIS B 189 13.94 -9.23 -5.64
N ARG B 190 13.54 -8.75 -6.81
CA ARG B 190 14.26 -9.07 -8.03
C ARG B 190 15.71 -8.53 -8.02
N LEU B 191 15.88 -7.30 -7.54
CA LEU B 191 17.24 -6.74 -7.43
C LEU B 191 18.11 -7.65 -6.57
N LYS B 192 17.54 -8.10 -5.46
CA LYS B 192 18.27 -8.98 -4.55
C LYS B 192 18.80 -10.23 -5.25
N GLY B 193 17.99 -10.78 -6.15
CA GLY B 193 18.39 -11.95 -6.91
C GLY B 193 19.42 -11.60 -7.98
N ASP B 194 19.29 -10.41 -8.57
CA ASP B 194 20.18 -10.03 -9.66
C ASP B 194 21.55 -9.56 -9.19
N PHE B 195 21.59 -9.03 -7.98
CA PHE B 195 22.81 -8.49 -7.35
C PHE B 195 23.05 -9.11 -5.96
N PRO B 196 23.45 -10.38 -5.94
CA PRO B 196 23.62 -11.08 -4.65
C PRO B 196 24.67 -10.44 -3.75
N GLN B 197 25.58 -9.65 -4.31
CA GLN B 197 26.63 -9.06 -3.50
C GLN B 197 26.16 -7.79 -2.78
N LEU B 198 24.97 -7.30 -3.13
CA LEU B 198 24.49 -6.02 -2.62
C LEU B 198 23.40 -6.27 -1.59
N THR B 199 23.07 -5.23 -0.82
CA THR B 199 22.08 -5.31 0.24
C THR B 199 20.94 -4.35 -0.09
N PHE B 200 19.72 -4.88 -0.14
CA PHE B 200 18.57 -4.06 -0.52
C PHE B 200 17.60 -3.96 0.65
N VAL B 201 17.21 -2.73 0.96
CA VAL B 201 16.23 -2.47 2.01
C VAL B 201 15.01 -1.93 1.32
N THR B 202 13.85 -2.58 1.49
CA THR B 202 12.65 -2.11 0.82
C THR B 202 11.87 -1.14 1.71
N ASN B 203 11.10 -0.28 1.07
CA ASN B 203 10.44 0.83 1.78
C ASN B 203 9.18 1.27 1.05
N GLY B 204 8.12 1.52 1.80
CA GLY B 204 6.92 2.12 1.25
C GLY B 204 5.70 1.33 1.66
N GLY B 205 4.83 1.99 2.42
CA GLY B 205 3.53 1.46 2.78
C GLY B 205 3.52 0.31 3.78
N ILE B 206 4.63 0.08 4.46
CA ILE B 206 4.68 -1.04 5.41
C ILE B 206 4.13 -0.53 6.76
N ARG B 207 3.03 -1.17 7.19
CA ARG B 207 2.21 -0.60 8.26
C ARG B 207 2.26 -1.34 9.58
N SER B 208 2.94 -2.48 9.62
CA SER B 208 3.03 -3.23 10.86
C SER B 208 4.30 -4.03 10.91
N LEU B 209 4.65 -4.52 12.09
CA LEU B 209 5.84 -5.35 12.20
C LEU B 209 5.60 -6.67 11.47
N GLU B 210 4.35 -7.15 11.49
CA GLU B 210 4.02 -8.40 10.83
C GLU B 210 4.22 -8.26 9.33
N GLU B 211 3.82 -7.11 8.78
CA GLU B 211 4.08 -6.81 7.38
C GLU B 211 5.58 -6.70 7.11
N ALA B 212 6.35 -6.15 8.05
CA ALA B 212 7.80 -6.03 7.90
C ALA B 212 8.43 -7.41 7.83
N LEU B 213 8.00 -8.31 8.71
CA LEU B 213 8.53 -9.67 8.75
C LEU B 213 8.21 -10.42 7.47
N PHE B 214 7.03 -10.18 6.93
CA PHE B 214 6.64 -10.75 5.63
C PHE B 214 7.65 -10.38 4.56
N HIS B 215 7.96 -9.09 4.49
CA HIS B 215 8.89 -8.60 3.49
C HIS B 215 10.33 -9.04 3.74
N LEU B 216 10.72 -9.14 5.01
CA LEU B 216 12.08 -9.60 5.35
C LEU B 216 12.34 -11.05 4.91
N LYS B 217 11.30 -11.74 4.47
CA LYS B 217 11.47 -13.06 3.88
C LYS B 217 12.21 -12.97 2.56
N ARG B 218 12.09 -11.81 1.92
CA ARG B 218 12.40 -11.68 0.51
C ARG B 218 13.51 -10.66 0.21
N VAL B 219 13.76 -9.75 1.16
CA VAL B 219 14.78 -8.75 0.97
C VAL B 219 15.61 -8.66 2.26
N ASP B 220 16.71 -7.92 2.22
CA ASP B 220 17.63 -7.90 3.36
C ASP B 220 17.17 -7.00 4.50
N GLY B 221 16.35 -6.01 4.19
CA GLY B 221 15.97 -5.04 5.20
C GLY B 221 14.62 -4.43 4.89
N VAL B 222 14.00 -3.83 5.90
CA VAL B 222 12.78 -3.07 5.70
C VAL B 222 12.88 -1.75 6.44
N MET B 223 12.40 -0.68 5.79
CA MET B 223 12.36 0.65 6.40
C MET B 223 10.89 1.14 6.55
N LEU B 224 10.53 1.59 7.76
CA LEU B 224 9.18 2.13 7.99
C LEU B 224 9.24 3.59 8.37
N GLY B 225 8.40 4.39 7.74
CA GLY B 225 8.37 5.82 7.98
C GLY B 225 7.06 6.23 8.65
N ARG B 226 6.05 6.51 7.84
CA ARG B 226 4.81 7.05 8.38
C ARG B 226 4.18 6.22 9.51
N ALA B 227 4.22 4.90 9.40
CA ALA B 227 3.54 4.06 10.40
C ALA B 227 4.15 4.25 11.80
N VAL B 228 5.47 4.44 11.84
CA VAL B 228 6.19 4.67 13.10
C VAL B 228 5.86 6.04 13.66
N TYR B 229 5.83 7.05 12.80
CA TYR B 229 5.47 8.37 13.32
C TYR B 229 4.03 8.40 13.82
N GLU B 230 3.14 7.72 13.11
CA GLU B 230 1.73 7.65 13.53
C GLU B 230 1.54 6.88 14.83
N ASP B 231 2.41 5.90 15.08
CA ASP B 231 2.25 5.04 16.27
C ASP B 231 3.58 4.34 16.57
N PRO B 232 4.43 5.00 17.37
CA PRO B 232 5.77 4.48 17.65
C PRO B 232 5.75 3.01 18.10
N PHE B 233 4.69 2.62 18.81
CA PHE B 233 4.57 1.25 19.30
C PHE B 233 4.25 0.23 18.24
N VAL B 234 4.20 0.65 16.98
CA VAL B 234 4.26 -0.33 15.91
C VAL B 234 5.57 -1.14 16.04
N LEU B 235 6.59 -0.54 16.66
CA LEU B 235 7.86 -1.25 16.86
C LEU B 235 7.99 -1.95 18.22
N GLU B 236 6.90 -2.09 18.97
CA GLU B 236 6.96 -2.67 20.31
C GLU B 236 7.71 -4.00 20.39
N GLU B 237 7.45 -4.89 19.44
CA GLU B 237 8.03 -6.23 19.50
C GLU B 237 9.28 -6.37 18.63
N ALA B 238 9.78 -5.26 18.11
CA ALA B 238 10.93 -5.31 17.19
C ALA B 238 12.18 -5.88 17.87
N ASP B 239 12.51 -5.42 19.07
CA ASP B 239 13.73 -5.95 19.71
C ASP B 239 13.65 -7.45 19.91
N ARG B 240 12.51 -7.94 20.42
CA ARG B 240 12.34 -9.37 20.63
C ARG B 240 12.34 -10.19 19.33
N ARG B 241 11.45 -9.82 18.41
CA ARG B 241 11.20 -10.67 17.23
C ARG B 241 12.22 -10.49 16.09
N VAL B 242 12.69 -9.27 15.88
CA VAL B 242 13.63 -9.04 14.80
C VAL B 242 15.07 -9.28 15.25
N PHE B 243 15.40 -8.82 16.45
CA PHE B 243 16.80 -8.78 16.88
C PHE B 243 17.22 -9.84 17.91
N GLY B 244 16.29 -10.30 18.73
CA GLY B 244 16.62 -11.22 19.80
C GLY B 244 17.04 -10.47 21.05
N LEU B 245 16.91 -9.15 21.00
CA LEU B 245 17.27 -8.28 22.13
C LEU B 245 16.22 -8.43 23.24
N PRO B 246 16.60 -8.14 24.49
CA PRO B 246 15.74 -8.51 25.62
C PRO B 246 14.60 -7.51 25.98
N ARG B 247 14.66 -6.26 25.53
CA ARG B 247 13.67 -5.27 25.94
C ARG B 247 12.27 -5.52 25.41
N ARG B 248 11.26 -5.49 26.28
CA ARG B 248 9.88 -5.31 25.80
C ARG B 248 9.20 -4.15 26.51
N PRO B 249 9.15 -3.01 25.84
CA PRO B 249 8.75 -1.72 26.40
C PRO B 249 7.27 -1.64 26.70
N SER B 250 6.90 -0.82 27.68
CA SER B 250 5.51 -0.45 27.89
C SER B 250 5.38 1.03 27.57
N ARG B 251 4.20 1.47 27.17
CA ARG B 251 4.03 2.86 26.84
C ARG B 251 4.25 3.76 28.07
N LEU B 252 3.80 3.32 29.24
CA LEU B 252 4.02 4.10 30.45
C LEU B 252 5.50 4.25 30.79
N GLU B 253 6.27 3.19 30.59
CA GLU B 253 7.70 3.25 30.90
C GLU B 253 8.41 4.21 29.93
N VAL B 254 8.03 4.14 28.66
CA VAL B 254 8.56 5.06 27.65
C VAL B 254 8.19 6.49 27.99
N ALA B 255 6.93 6.72 28.36
CA ALA B 255 6.50 8.06 28.78
C ALA B 255 7.31 8.58 29.97
N ARG B 256 7.55 7.71 30.96
CA ARG B 256 8.32 8.10 32.14
C ARG B 256 9.74 8.46 31.76
N ARG B 257 10.32 7.69 30.83
CA ARG B 257 11.67 7.99 30.34
C ARG B 257 11.70 9.31 29.58
N MET B 258 10.65 9.56 28.80
CA MET B 258 10.53 10.81 28.05
C MET B 258 10.33 12.02 28.98
N ARG B 259 9.64 11.81 30.10
CA ARG B 259 9.49 12.87 31.09
C ARG B 259 10.85 13.27 31.67
N ALA B 260 11.71 12.30 31.97
CA ALA B 260 13.04 12.61 32.48
C ALA B 260 13.84 13.33 31.41
N TYR B 261 13.71 12.86 30.18
CA TYR B 261 14.37 13.47 29.03
C TYR B 261 13.91 14.90 28.86
N LEU B 262 12.60 15.13 28.91
CA LEU B 262 12.08 16.48 28.76
C LEU B 262 12.60 17.45 29.84
N GLU B 263 12.58 17.03 31.10
CA GLU B 263 13.05 17.88 32.20
C GLU B 263 14.49 18.32 31.94
N GLU B 264 15.32 17.36 31.56
CA GLU B 264 16.73 17.66 31.24
C GLU B 264 16.90 18.57 30.04
N GLU B 265 16.18 18.27 28.96
CA GLU B 265 16.23 19.08 27.76
C GLU B 265 15.77 20.51 27.96
N VAL B 266 14.70 20.70 28.73
CA VAL B 266 14.25 22.07 28.97
C VAL B 266 15.32 22.85 29.75
N LEU B 267 15.99 22.19 30.70
CA LEU B 267 17.05 22.86 31.44
C LEU B 267 18.21 23.22 30.50
N LYS B 268 18.44 22.37 29.51
CA LYS B 268 19.53 22.60 28.56
C LYS B 268 19.19 23.65 27.54
N GLY B 269 17.93 24.11 27.54
CA GLY B 269 17.51 25.21 26.70
C GLY B 269 16.57 24.86 25.57
N THR B 270 16.21 23.59 25.48
CA THR B 270 15.23 23.14 24.47
C THR B 270 13.81 23.58 24.82
N PRO B 271 13.09 24.20 23.86
CA PRO B 271 11.68 24.55 24.11
C PRO B 271 10.89 23.26 24.33
N PRO B 272 10.01 23.22 25.34
CA PRO B 272 9.35 21.95 25.61
C PRO B 272 8.56 21.41 24.44
N TRP B 273 7.93 22.27 23.66
CA TRP B 273 7.12 21.74 22.53
C TRP B 273 7.97 20.99 21.50
N ALA B 274 9.26 21.33 21.40
CA ALA B 274 10.12 20.63 20.46
C ALA B 274 10.20 19.13 20.75
N VAL B 275 10.02 18.77 22.02
CA VAL B 275 9.97 17.38 22.45
C VAL B 275 8.53 16.84 22.46
N LEU B 276 7.63 17.58 23.11
CA LEU B 276 6.26 17.13 23.30
C LEU B 276 5.51 16.91 21.99
N ARG B 277 5.84 17.67 20.95
CA ARG B 277 5.06 17.60 19.71
C ARG B 277 5.21 16.22 19.06
N HIS B 278 6.29 15.53 19.40
CA HIS B 278 6.56 14.20 18.88
C HIS B 278 6.11 13.07 19.81
N MET B 279 5.48 13.43 20.93
CA MET B 279 5.00 12.45 21.90
C MET B 279 3.48 12.26 21.84
N LEU B 280 2.82 12.96 20.92
CA LEU B 280 1.36 12.96 20.87
C LEU B 280 0.72 11.62 20.52
N ASN B 281 1.47 10.77 19.80
CA ASN B 281 0.93 9.51 19.32
C ASN B 281 1.32 8.30 20.17
N LEU B 282 1.94 8.55 21.32
CA LEU B 282 2.46 7.45 22.14
C LEU B 282 1.36 6.50 22.60
N PHE B 283 0.14 7.02 22.78
CA PHE B 283 -0.96 6.17 23.22
C PHE B 283 -2.01 6.01 22.12
N ARG B 284 -1.57 6.06 20.87
CA ARG B 284 -2.47 5.86 19.74
C ARG B 284 -3.29 4.57 19.88
N GLY B 285 -4.61 4.70 19.71
CA GLY B 285 -5.49 3.56 19.79
C GLY B 285 -5.73 3.00 21.18
N ARG B 286 -5.21 3.67 22.19
CA ARG B 286 -5.32 3.21 23.57
C ARG B 286 -6.36 4.02 24.31
N PRO B 287 -6.91 3.47 25.39
CA PRO B 287 -7.87 4.21 26.21
C PRO B 287 -7.27 5.53 26.71
N LYS B 288 -8.03 6.62 26.54
CA LYS B 288 -7.58 7.97 26.88
C LYS B 288 -6.39 8.45 26.05
N GLY B 289 -6.11 7.76 24.94
CA GLY B 289 -5.03 8.19 24.06
C GLY B 289 -5.28 9.57 23.47
N ARG B 290 -6.54 9.86 23.14
CA ARG B 290 -6.89 11.17 22.60
C ARG B 290 -6.75 12.25 23.67
N LEU B 291 -7.13 11.93 24.91
CA LEU B 291 -6.96 12.88 26.01
C LEU B 291 -5.49 13.17 26.30
N TRP B 292 -4.64 12.15 26.17
CA TRP B 292 -3.19 12.33 26.26
C TRP B 292 -2.69 13.40 25.29
N ARG B 293 -3.08 13.26 24.02
CA ARG B 293 -2.65 14.15 22.97
C ARG B 293 -3.18 15.56 23.23
N ARG B 294 -4.42 15.65 23.66
CA ARG B 294 -5.03 16.95 23.92
C ARG B 294 -4.38 17.67 25.09
N LEU B 295 -4.04 16.94 26.14
CA LEU B 295 -3.44 17.56 27.32
C LEU B 295 -2.05 18.08 26.99
N LEU B 296 -1.28 17.30 26.24
CA LEU B 296 0.05 17.73 25.85
C LEU B 296 -0.01 18.95 24.94
N SER B 297 -0.96 18.94 24.00
CA SER B 297 -1.09 20.03 23.04
C SER B 297 -1.60 21.31 23.68
N GLU B 298 -2.41 21.17 24.74
CA GLU B 298 -2.86 22.36 25.46
C GLU B 298 -1.77 23.03 26.28
N GLY B 299 -1.13 22.24 27.15
CA GLY B 299 -0.21 22.78 28.13
C GLY B 299 1.17 23.04 27.56
N ARG B 300 1.64 22.11 26.74
CA ARG B 300 2.94 22.18 26.07
C ARG B 300 4.06 22.46 27.06
N SER B 301 3.99 21.80 28.22
CA SER B 301 4.93 22.04 29.31
C SER B 301 5.22 20.73 30.04
N LEU B 302 6.29 20.74 30.82
CA LEU B 302 6.55 19.62 31.73
C LEU B 302 5.38 19.38 32.68
N GLN B 303 4.76 20.46 33.17
CA GLN B 303 3.62 20.34 34.07
C GLN B 303 2.47 19.58 33.40
N ALA B 304 2.23 19.90 32.13
CA ALA B 304 1.19 19.22 31.35
C ALA B 304 1.49 17.72 31.19
N LEU B 305 2.74 17.40 30.93
CA LEU B 305 3.13 15.99 30.82
C LEU B 305 2.96 15.28 32.14
N ASP B 306 3.31 15.94 33.25
CA ASP B 306 3.13 15.32 34.57
C ASP B 306 1.65 14.98 34.84
N ARG B 307 0.77 15.91 34.48
CA ARG B 307 -0.66 15.70 34.64
C ARG B 307 -1.14 14.54 33.76
N ALA B 308 -0.66 14.53 32.51
CA ALA B 308 -1.10 13.54 31.53
C ALA B 308 -0.61 12.15 31.95
N LEU B 309 0.59 12.09 32.49
CA LEU B 309 1.11 10.84 33.03
C LEU B 309 0.24 10.29 34.17
N ARG B 310 -0.14 11.15 35.10
CA ARG B 310 -0.97 10.72 36.21
C ARG B 310 -2.26 10.10 35.68
N LEU B 311 -2.85 10.74 34.67
CA LEU B 311 -4.08 10.22 34.06
C LEU B 311 -3.85 8.83 33.46
N MET B 312 -2.78 8.68 32.71
CA MET B 312 -2.49 7.39 32.06
C MET B 312 -2.12 6.34 33.10
N GLU B 313 -1.43 6.74 34.15
CA GLU B 313 -1.12 5.86 35.27
C GLU B 313 -2.41 5.34 35.90
N GLU B 314 -3.36 6.26 36.09
CA GLU B 314 -4.64 5.90 36.70
C GLU B 314 -5.37 4.91 35.82
N GLU B 315 -5.29 5.09 34.52
CA GLU B 315 -6.06 4.25 33.60
C GLU B 315 -5.64 2.79 33.66
N VAL B 316 -4.35 2.54 33.91
CA VAL B 316 -3.85 1.17 33.96
C VAL B 316 -4.06 0.51 35.33
N GLY B 317 -4.36 1.32 36.34
CA GLY B 317 -4.59 0.79 37.67
C GLY B 317 -6.05 0.74 38.09
N GLU B 318 -6.95 1.21 37.21
CA GLU B 318 -8.36 1.34 37.55
C GLU B 318 -9.02 0.04 38.01
N GLU B 319 -8.67 -1.07 37.36
CA GLU B 319 -9.19 -2.38 37.72
C GLU B 319 -10.55 -2.36 38.42
#